data_2Z60
#
_entry.id   2Z60
#
_cell.length_a   43.035
_cell.length_b   59.280
_cell.length_c   66.520
_cell.angle_alpha   90.00
_cell.angle_beta   94.88
_cell.angle_gamma   90.00
#
_symmetry.space_group_name_H-M   'P 1 21 1'
#
loop_
_entity.id
_entity.type
_entity.pdbx_description
1 polymer 'Proto-oncogene tyrosine-protein kinase ABL1'
2 non-polymer 5-[3-(2-METHOXYPHENYL)-1H-PYRROLO[2,3-B]PYRIDIN-5-YL]-N,N-DIMETHYLPYRIDINE-3-CARBOXAMIDE
3 water water
#
_entity_poly.entity_id   1
_entity_poly.type   'polypeptide(L)'
_entity_poly.pdbx_seq_one_letter_code
;GSPNYDKWEMERTDITMKHKLGGGQYGEVYEGVWKKYSLTVAVKTLKEDTMEVEEFLKEAAVMKEIKHPNLVQLLGVCTR
EPPFYIIIEFMTYGNLLDYLRECNRQEVSAVVLLYMATQISSAMEYLEKKNFIHRDLAARNCLVGENHLVKVADFGLSRL
MTGDTYTAHAGAKFPIKWTAPESLAYNKFSIKSDVWAFGVLLWEIATYGMSPYPGIDLSQVYELLEKDYRMERPEGCPEK
VYELMRACWQWNPSDRPSFAEIHQAFETMFQESSISDEVEKELGKRGT
;
_entity_poly.pdbx_strand_id   A
#
loop_
_chem_comp.id
_chem_comp.type
_chem_comp.name
_chem_comp.formula
P3Y non-polymer 5-[3-(2-METHOXYPHENYL)-1H-PYRROLO[2,3-B]PYRIDIN-5-YL]-N,N-DIMETHYLPYRIDINE-3-CARBOXAMIDE 'C22 H20 N4 O2'
#
# COMPACT_ATOMS: atom_id res chain seq x y z
N GLY A 1 -32.33 5.71 21.33
CA GLY A 1 -30.87 6.05 21.37
C GLY A 1 -30.64 7.56 21.35
N SER A 2 -29.41 7.96 21.63
CA SER A 2 -29.07 9.38 21.65
C SER A 2 -29.06 9.89 20.22
N PRO A 3 -29.70 11.04 19.98
CA PRO A 3 -29.84 11.73 18.69
C PRO A 3 -28.58 11.93 17.82
N ASN A 4 -27.49 12.38 18.42
CA ASN A 4 -26.27 12.60 17.65
C ASN A 4 -25.23 11.49 17.74
N TYR A 5 -25.69 10.26 17.94
CA TYR A 5 -24.75 9.14 18.01
C TYR A 5 -24.19 8.85 16.62
N ASP A 6 -22.90 8.57 16.56
CA ASP A 6 -22.24 8.21 15.30
C ASP A 6 -21.18 7.20 15.75
N LYS A 7 -21.33 5.96 15.31
CA LYS A 7 -20.42 4.89 15.72
C LYS A 7 -18.93 5.15 15.49
N TRP A 8 -18.59 5.93 14.46
CA TRP A 8 -17.19 6.19 14.16
C TRP A 8 -16.59 7.40 14.88
N GLU A 9 -17.42 8.34 15.30
CA GLU A 9 -16.95 9.55 15.97
C GLU A 9 -16.41 9.33 17.38
N MET A 10 -15.22 9.85 17.62
CA MET A 10 -14.55 9.77 18.91
C MET A 10 -14.37 11.19 19.43
N GLU A 11 -14.13 11.34 20.72
CA GLU A 11 -13.90 12.67 21.30
C GLU A 11 -12.43 12.99 21.14
N ARG A 12 -12.11 14.12 20.52
CA ARG A 12 -10.70 14.45 20.32
C ARG A 12 -9.92 14.53 21.62
N THR A 13 -10.60 14.75 22.73
CA THR A 13 -9.91 14.83 24.02
C THR A 13 -9.47 13.46 24.51
N ASP A 14 -9.97 12.42 23.85
CA ASP A 14 -9.62 11.04 24.18
C ASP A 14 -8.24 10.70 23.67
N ILE A 15 -7.74 11.51 22.74
CA ILE A 15 -6.46 11.27 22.10
C ILE A 15 -5.34 12.23 22.51
N THR A 16 -4.19 11.68 22.86
CA THR A 16 -3.02 12.49 23.18
C THR A 16 -2.20 12.51 21.89
N MET A 17 -1.89 13.70 21.39
CA MET A 17 -1.09 13.83 20.17
C MET A 17 0.37 13.94 20.59
N LYS A 18 1.27 13.21 19.92
CA LYS A 18 2.66 13.27 20.30
C LYS A 18 3.58 13.99 19.33
N HIS A 19 3.93 13.34 18.22
CA HIS A 19 4.82 13.94 17.24
C HIS A 19 4.51 13.34 15.88
N LYS A 20 4.86 14.04 14.80
CA LYS A 20 4.62 13.50 13.47
C LYS A 20 5.36 12.19 13.35
N LEU A 21 4.72 11.19 12.76
CA LEU A 21 5.39 9.91 12.61
C LEU A 21 6.10 9.82 11.25
N GLY A 22 6.82 8.73 11.02
CA GLY A 22 7.52 8.56 9.76
C GLY A 22 8.42 9.74 9.43
N GLY A 23 8.87 10.45 10.45
CA GLY A 23 9.73 11.61 10.22
C GLY A 23 9.09 12.66 9.33
N GLY A 24 7.78 12.84 9.45
CA GLY A 24 7.10 13.83 8.65
C GLY A 24 6.92 13.43 7.19
N GLN A 25 7.40 12.23 6.88
CA GLN A 25 7.33 11.68 5.53
C GLN A 25 5.92 11.63 4.94
N TYR A 26 4.91 11.48 5.80
CA TYR A 26 3.53 11.40 5.33
C TYR A 26 2.68 12.65 5.59
N GLY A 27 3.34 13.76 5.89
CA GLY A 27 2.59 14.98 6.13
C GLY A 27 2.08 15.10 7.55
N GLU A 28 0.82 15.51 7.70
CA GLU A 28 0.23 15.68 9.02
C GLU A 28 -0.30 14.38 9.64
N VAL A 29 0.58 13.41 9.83
CA VAL A 29 0.20 12.16 10.45
C VAL A 29 1.07 12.04 11.68
N TYR A 30 0.41 11.97 12.83
CA TYR A 30 1.09 11.91 14.11
C TYR A 30 0.91 10.61 14.88
N GLU A 31 1.86 10.35 15.77
CA GLU A 31 1.76 9.20 16.64
C GLU A 31 0.93 9.80 17.77
N GLY A 32 -0.04 9.06 18.27
CA GLY A 32 -0.86 9.57 19.35
C GLY A 32 -1.25 8.43 20.26
N VAL A 33 -1.97 8.72 21.33
CA VAL A 33 -2.39 7.67 22.23
C VAL A 33 -3.86 7.78 22.57
N TRP A 34 -4.57 6.66 22.47
CA TRP A 34 -5.98 6.63 22.82
C TRP A 34 -5.91 6.32 24.31
N LYS A 35 -5.80 7.39 25.10
CA LYS A 35 -5.66 7.29 26.55
C LYS A 35 -6.52 6.24 27.25
N LYS A 36 -7.82 6.29 27.03
CA LYS A 36 -8.73 5.34 27.66
C LYS A 36 -8.19 3.92 27.65
N TYR A 37 -7.67 3.49 26.51
CA TYR A 37 -7.15 2.13 26.39
C TYR A 37 -5.64 1.97 26.32
N SER A 38 -4.89 3.01 26.67
CA SER A 38 -3.43 2.93 26.61
C SER A 38 -2.95 2.37 25.26
N LEU A 39 -3.61 2.77 24.19
CA LEU A 39 -3.24 2.28 22.86
C LEU A 39 -2.57 3.35 22.00
N THR A 40 -1.42 3.02 21.45
CA THR A 40 -0.73 3.97 20.56
C THR A 40 -1.48 3.91 19.24
N VAL A 41 -1.71 5.07 18.64
CA VAL A 41 -2.40 5.12 17.35
C VAL A 41 -1.75 6.12 16.41
N ALA A 42 -2.22 6.11 15.16
CA ALA A 42 -1.73 7.03 14.15
C ALA A 42 -2.90 7.97 13.91
N VAL A 43 -2.64 9.27 13.91
CA VAL A 43 -3.70 10.23 13.70
C VAL A 43 -3.38 11.20 12.56
N LYS A 44 -4.21 11.19 11.53
CA LYS A 44 -4.02 12.12 10.42
C LYS A 44 -4.95 13.30 10.68
N THR A 45 -4.45 14.51 10.50
CA THR A 45 -5.28 15.68 10.72
C THR A 45 -5.07 16.67 9.59
N LEU A 46 -5.79 17.80 9.64
CA LEU A 46 -5.69 18.83 8.61
C LEU A 46 -5.14 20.12 9.17
N LYS A 47 -4.11 20.65 8.52
CA LYS A 47 -3.53 21.93 8.96
C LYS A 47 -4.57 23.02 8.78
N GLU A 48 -4.43 24.10 9.52
CA GLU A 48 -5.37 25.21 9.40
C GLU A 48 -4.91 26.22 8.35
N GLU A 52 -7.27 20.11 0.91
CA GLU A 52 -8.39 20.73 1.61
C GLU A 52 -9.28 19.68 2.27
N VAL A 53 -10.28 20.11 3.03
CA VAL A 53 -11.18 19.21 3.75
C VAL A 53 -11.92 18.14 2.95
N GLU A 54 -12.42 18.48 1.78
CA GLU A 54 -13.16 17.50 0.98
C GLU A 54 -12.44 16.17 0.83
N GLU A 55 -11.16 16.24 0.45
CA GLU A 55 -10.38 15.03 0.27
C GLU A 55 -10.21 14.27 1.58
N PHE A 56 -10.04 15.01 2.67
CA PHE A 56 -9.87 14.41 4.00
C PHE A 56 -11.12 13.62 4.35
N LEU A 57 -12.29 14.27 4.27
CA LEU A 57 -13.56 13.62 4.56
C LEU A 57 -13.80 12.43 3.64
N LYS A 58 -13.37 12.53 2.39
CA LYS A 58 -13.54 11.40 1.47
C LYS A 58 -12.70 10.22 1.93
N GLU A 59 -11.48 10.50 2.38
CA GLU A 59 -10.58 9.45 2.86
C GLU A 59 -11.20 8.76 4.06
N ALA A 60 -11.76 9.57 4.96
CA ALA A 60 -12.41 9.02 6.15
C ALA A 60 -13.58 8.12 5.76
N ALA A 61 -14.41 8.58 4.84
CA ALA A 61 -15.57 7.80 4.41
C ALA A 61 -15.15 6.45 3.82
N VAL A 62 -14.13 6.44 2.99
CA VAL A 62 -13.67 5.19 2.38
C VAL A 62 -13.15 4.21 3.42
N MET A 63 -12.45 4.71 4.44
CA MET A 63 -11.93 3.81 5.44
C MET A 63 -13.01 3.14 6.29
N LYS A 64 -14.22 3.71 6.30
CA LYS A 64 -15.32 3.13 7.05
C LYS A 64 -15.93 1.96 6.28
N GLU A 65 -15.66 1.90 4.98
CA GLU A 65 -16.19 0.88 4.07
C GLU A 65 -15.33 -0.36 3.79
N ILE A 66 -14.05 -0.30 4.11
CA ILE A 66 -13.18 -1.43 3.84
C ILE A 66 -12.64 -2.05 5.11
N LYS A 67 -12.61 -3.37 5.15
CA LYS A 67 -12.10 -4.06 6.30
C LYS A 67 -11.45 -5.35 5.85
N HIS A 68 -10.17 -5.48 6.15
CA HIS A 68 -9.41 -6.64 5.75
C HIS A 68 -8.16 -6.78 6.61
N PRO A 69 -7.76 -8.01 6.91
CA PRO A 69 -6.59 -8.33 7.75
C PRO A 69 -5.33 -7.62 7.27
N ASN A 70 -5.23 -7.39 5.97
CA ASN A 70 -4.05 -6.73 5.42
C ASN A 70 -4.30 -5.31 4.90
N LEU A 71 -5.30 -4.66 5.48
CA LEU A 71 -5.63 -3.26 5.17
C LEU A 71 -5.58 -2.57 6.53
N VAL A 72 -4.79 -1.52 6.67
CA VAL A 72 -4.67 -0.87 7.98
C VAL A 72 -6.06 -0.37 8.40
N GLN A 73 -6.40 -0.71 9.64
CA GLN A 73 -7.72 -0.43 10.20
C GLN A 73 -8.09 0.92 10.83
N LEU A 74 -9.15 1.53 10.30
CA LEU A 74 -9.68 2.78 10.85
C LEU A 74 -10.19 2.46 12.26
N LEU A 75 -9.88 3.31 13.23
CA LEU A 75 -10.33 3.11 14.60
C LEU A 75 -11.43 4.11 14.92
N GLY A 76 -11.29 5.31 14.38
CA GLY A 76 -12.29 6.33 14.62
C GLY A 76 -11.97 7.63 13.91
N VAL A 77 -12.88 8.58 14.02
CA VAL A 77 -12.67 9.89 13.40
C VAL A 77 -13.20 10.99 14.30
N CYS A 78 -12.77 12.21 14.02
CA CYS A 78 -13.21 13.40 14.74
C CYS A 78 -13.53 14.32 13.57
N THR A 79 -14.76 14.27 13.08
CA THR A 79 -15.12 15.10 11.94
C THR A 79 -16.38 15.92 12.13
N ARG A 80 -16.70 16.25 13.38
CA ARG A 80 -17.87 17.07 13.70
C ARG A 80 -17.46 18.55 13.61
N GLU A 81 -16.28 18.83 14.14
CA GLU A 81 -15.72 20.19 14.15
C GLU A 81 -14.21 20.11 13.99
N PRO A 82 -13.59 21.18 13.51
CA PRO A 82 -12.13 21.18 13.33
C PRO A 82 -11.38 21.35 14.64
N PRO A 83 -10.13 20.85 14.71
CA PRO A 83 -9.43 20.16 13.62
C PRO A 83 -9.89 18.71 13.45
N PHE A 84 -10.03 18.30 12.21
CA PHE A 84 -10.47 16.95 11.88
C PHE A 84 -9.36 15.93 12.14
N TYR A 85 -9.76 14.74 12.59
CA TYR A 85 -8.83 13.63 12.84
C TYR A 85 -9.34 12.37 12.16
N ILE A 86 -8.40 11.51 11.79
CA ILE A 86 -8.71 10.19 11.25
C ILE A 86 -7.78 9.35 12.13
N ILE A 87 -8.35 8.56 13.02
CA ILE A 87 -7.55 7.75 13.94
C ILE A 87 -7.44 6.32 13.42
N ILE A 88 -6.21 5.91 13.18
CA ILE A 88 -5.92 4.60 12.62
C ILE A 88 -4.99 3.76 13.50
N GLU A 89 -5.09 2.43 13.40
CA GLU A 89 -4.23 1.58 14.19
C GLU A 89 -2.78 1.89 13.82
N PHE A 90 -1.90 1.85 14.82
CA PHE A 90 -0.49 2.13 14.61
C PHE A 90 0.28 0.83 14.36
N MET A 91 1.05 0.77 13.28
CA MET A 91 1.83 -0.42 12.99
C MET A 91 3.23 -0.19 13.56
N THR A 92 3.57 -0.96 14.58
CA THR A 92 4.83 -0.83 15.31
C THR A 92 6.16 -0.87 14.55
N TYR A 93 6.25 -1.58 13.43
CA TYR A 93 7.51 -1.60 12.69
C TYR A 93 7.65 -0.59 11.55
N GLY A 94 6.69 0.34 11.49
CA GLY A 94 6.74 1.38 10.47
C GLY A 94 6.37 0.99 9.06
N ASN A 95 6.88 1.73 8.08
CA ASN A 95 6.57 1.43 6.70
C ASN A 95 7.52 0.38 6.13
N LEU A 96 7.05 -0.35 5.13
CA LEU A 96 7.80 -1.40 4.50
C LEU A 96 9.08 -0.97 3.80
N LEU A 97 9.06 0.19 3.16
CA LEU A 97 10.26 0.65 2.46
C LEU A 97 11.43 0.82 3.43
N ASP A 98 11.20 1.52 4.53
CA ASP A 98 12.27 1.71 5.52
C ASP A 98 12.62 0.40 6.20
N TYR A 99 11.61 -0.42 6.44
CA TYR A 99 11.84 -1.71 7.08
C TYR A 99 12.80 -2.55 6.23
N LEU A 100 12.54 -2.62 4.92
CA LEU A 100 13.40 -3.39 4.03
C LEU A 100 14.82 -2.81 3.96
N ARG A 101 14.90 -1.48 3.95
CA ARG A 101 16.20 -0.81 3.88
C ARG A 101 17.08 -1.00 5.12
N GLU A 102 16.47 -1.31 6.26
CA GLU A 102 17.22 -1.46 7.49
C GLU A 102 17.24 -2.87 8.06
N CYS A 103 16.58 -3.81 7.41
CA CYS A 103 16.48 -5.18 7.91
C CYS A 103 17.70 -6.09 7.83
N ASN A 104 17.65 -7.17 8.60
CA ASN A 104 18.69 -8.18 8.59
C ASN A 104 18.16 -9.16 7.57
N ARG A 105 18.92 -9.37 6.50
CA ARG A 105 18.47 -10.25 5.45
C ARG A 105 18.47 -11.75 5.76
N GLN A 106 19.17 -12.16 6.82
CA GLN A 106 19.13 -13.58 7.16
C GLN A 106 17.78 -13.79 7.85
N GLU A 107 17.27 -12.74 8.49
CA GLU A 107 15.96 -12.79 9.14
C GLU A 107 14.87 -12.63 8.09
N VAL A 108 14.95 -11.51 7.35
CA VAL A 108 13.98 -11.23 6.28
C VAL A 108 14.50 -11.92 5.02
N SER A 109 14.28 -13.23 4.98
CA SER A 109 14.74 -14.05 3.88
C SER A 109 13.75 -14.17 2.75
N ALA A 110 14.14 -14.95 1.75
CA ALA A 110 13.31 -15.17 0.57
C ALA A 110 11.89 -15.59 0.92
N VAL A 111 11.71 -16.39 1.96
CA VAL A 111 10.35 -16.79 2.29
C VAL A 111 9.56 -15.61 2.88
N VAL A 112 10.25 -14.73 3.60
CA VAL A 112 9.58 -13.57 4.17
C VAL A 112 9.15 -12.57 3.08
N LEU A 113 9.97 -12.43 2.04
CA LEU A 113 9.63 -11.51 0.95
C LEU A 113 8.37 -12.04 0.24
N LEU A 114 8.29 -13.36 0.08
CA LEU A 114 7.12 -13.97 -0.56
C LEU A 114 5.89 -13.78 0.32
N TYR A 115 6.08 -13.90 1.63
CA TYR A 115 5.01 -13.73 2.60
C TYR A 115 4.46 -12.30 2.52
N MET A 116 5.36 -11.34 2.37
CA MET A 116 4.98 -9.93 2.25
C MET A 116 4.13 -9.71 1.01
N ALA A 117 4.58 -10.22 -0.13
CA ALA A 117 3.86 -10.07 -1.38
C ALA A 117 2.49 -10.73 -1.30
N THR A 118 2.46 -11.88 -0.64
CA THR A 118 1.22 -12.63 -0.49
C THR A 118 0.16 -11.82 0.27
N GLN A 119 0.58 -11.23 1.39
CA GLN A 119 -0.32 -10.44 2.22
C GLN A 119 -0.85 -9.23 1.45
N ILE A 120 0.05 -8.55 0.74
CA ILE A 120 -0.35 -7.37 -0.04
C ILE A 120 -1.32 -7.73 -1.15
N SER A 121 -1.01 -8.81 -1.87
CA SER A 121 -1.90 -9.22 -2.96
C SER A 121 -3.24 -9.66 -2.39
N SER A 122 -3.25 -10.09 -1.14
CA SER A 122 -4.50 -10.53 -0.49
C SER A 122 -5.39 -9.31 -0.27
N ALA A 123 -4.79 -8.21 0.17
CA ALA A 123 -5.52 -6.98 0.39
C ALA A 123 -6.06 -6.42 -0.92
N MET A 124 -5.24 -6.49 -1.97
CA MET A 124 -5.66 -5.98 -3.27
C MET A 124 -6.73 -6.86 -3.93
N GLU A 125 -6.70 -8.15 -3.63
CA GLU A 125 -7.72 -9.05 -4.20
C GLU A 125 -9.07 -8.64 -3.61
N TYR A 126 -9.05 -8.34 -2.31
CA TYR A 126 -10.25 -7.91 -1.59
C TYR A 126 -10.77 -6.62 -2.23
N LEU A 127 -9.88 -5.64 -2.38
CA LEU A 127 -10.26 -4.36 -2.99
C LEU A 127 -10.79 -4.55 -4.41
N GLU A 128 -10.10 -5.40 -5.17
CA GLU A 128 -10.49 -5.70 -6.55
C GLU A 128 -11.92 -6.25 -6.56
N LYS A 129 -12.19 -7.20 -5.68
CA LYS A 129 -13.51 -7.80 -5.57
C LYS A 129 -14.56 -6.74 -5.25
N LYS A 130 -14.20 -5.77 -4.41
CA LYS A 130 -15.13 -4.71 -4.04
C LYS A 130 -15.18 -3.54 -5.03
N ASN A 131 -14.44 -3.68 -6.12
CA ASN A 131 -14.38 -2.67 -7.18
C ASN A 131 -13.81 -1.31 -6.72
N PHE A 132 -12.88 -1.36 -5.78
CA PHE A 132 -12.20 -0.17 -5.28
C PHE A 132 -10.83 -0.12 -5.93
N ILE A 133 -10.25 1.08 -6.03
CA ILE A 133 -8.90 1.22 -6.56
C ILE A 133 -8.15 1.98 -5.48
N HIS A 134 -6.87 1.67 -5.31
CA HIS A 134 -6.05 2.30 -4.29
C HIS A 134 -5.40 3.58 -4.79
N ARG A 135 -4.77 3.48 -5.96
CA ARG A 135 -4.09 4.59 -6.64
C ARG A 135 -2.75 5.06 -6.08
N ASP A 136 -2.23 4.41 -5.04
CA ASP A 136 -0.93 4.82 -4.52
C ASP A 136 -0.19 3.66 -3.88
N LEU A 137 -0.21 2.50 -4.53
CA LEU A 137 0.50 1.34 -4.03
C LEU A 137 1.99 1.59 -4.17
N ALA A 138 2.71 1.37 -3.08
CA ALA A 138 4.17 1.55 -3.05
C ALA A 138 4.62 1.07 -1.68
N ALA A 139 5.89 0.68 -1.58
CA ALA A 139 6.43 0.19 -0.32
C ALA A 139 6.30 1.21 0.80
N ARG A 140 6.50 2.47 0.46
CA ARG A 140 6.39 3.55 1.45
C ARG A 140 4.98 3.57 2.03
N ASN A 141 4.02 3.04 1.27
CA ASN A 141 2.64 3.04 1.72
C ASN A 141 2.15 1.72 2.33
N CYS A 142 3.08 0.80 2.54
CA CYS A 142 2.72 -0.46 3.19
C CYS A 142 3.32 -0.39 4.59
N LEU A 143 2.67 -1.03 5.55
CA LEU A 143 3.11 -1.00 6.94
C LEU A 143 3.48 -2.39 7.46
N VAL A 144 4.32 -2.42 8.48
CA VAL A 144 4.78 -3.67 9.06
C VAL A 144 4.47 -3.83 10.56
N GLY A 145 3.96 -5.00 10.91
CA GLY A 145 3.64 -5.30 12.30
C GLY A 145 4.50 -6.44 12.83
N GLU A 146 4.09 -7.03 13.95
CA GLU A 146 4.83 -8.15 14.52
C GLU A 146 4.77 -9.38 13.60
N ASN A 147 5.79 -10.22 13.69
CA ASN A 147 5.87 -11.44 12.88
C ASN A 147 5.68 -11.19 11.38
N HIS A 148 6.26 -10.09 10.90
CA HIS A 148 6.19 -9.71 9.50
C HIS A 148 4.79 -9.53 8.93
N LEU A 149 3.85 -9.14 9.78
CA LEU A 149 2.50 -8.86 9.33
C LEU A 149 2.64 -7.60 8.47
N VAL A 150 1.95 -7.57 7.34
CA VAL A 150 2.02 -6.40 6.48
C VAL A 150 0.63 -5.93 6.10
N LYS A 151 0.42 -4.62 6.13
CA LYS A 151 -0.86 -4.05 5.77
C LYS A 151 -0.66 -2.89 4.79
N VAL A 152 -1.60 -2.76 3.86
CA VAL A 152 -1.59 -1.70 2.88
C VAL A 152 -2.20 -0.47 3.56
N ALA A 153 -1.65 0.70 3.31
CA ALA A 153 -2.17 1.90 3.92
C ALA A 153 -2.26 3.08 2.95
N ASP A 154 -2.58 4.24 3.50
CA ASP A 154 -2.74 5.49 2.77
C ASP A 154 -3.84 5.40 1.71
N PHE A 155 -5.08 5.57 2.16
CA PHE A 155 -6.22 5.49 1.27
C PHE A 155 -6.69 6.87 0.78
N GLY A 156 -5.79 7.84 0.85
CA GLY A 156 -6.13 9.19 0.43
C GLY A 156 -6.62 9.31 -1.01
N LEU A 157 -6.16 8.43 -1.90
CA LEU A 157 -6.60 8.48 -3.29
C LEU A 157 -7.50 7.30 -3.66
N SER A 158 -7.80 6.44 -2.69
CA SER A 158 -8.63 5.28 -2.96
C SER A 158 -10.06 5.68 -3.33
N ARG A 159 -10.67 4.91 -4.22
CA ARG A 159 -12.02 5.21 -4.69
C ARG A 159 -12.84 3.95 -4.94
N LEU A 160 -14.15 4.06 -4.75
CA LEU A 160 -15.03 2.95 -5.08
C LEU A 160 -15.40 3.33 -6.51
N MET A 161 -15.17 2.45 -7.47
CA MET A 161 -15.52 2.81 -8.84
C MET A 161 -16.94 2.40 -9.21
N THR A 162 -17.52 3.11 -10.17
CA THR A 162 -18.86 2.79 -10.62
C THR A 162 -18.69 2.08 -11.96
N GLY A 163 -17.69 2.52 -12.71
CA GLY A 163 -17.40 1.90 -13.99
C GLY A 163 -16.10 1.13 -13.87
N ASP A 164 -15.50 0.77 -14.99
CA ASP A 164 -14.25 0.03 -14.94
C ASP A 164 -13.04 0.95 -14.94
N THR A 165 -13.29 2.25 -15.08
CA THR A 165 -12.19 3.21 -15.09
C THR A 165 -12.55 4.48 -14.34
N TYR A 166 -11.53 5.13 -13.80
CA TYR A 166 -11.69 6.39 -13.09
C TYR A 166 -10.74 7.39 -13.73
N THR A 167 -11.26 8.58 -14.02
CA THR A 167 -10.44 9.60 -14.64
C THR A 167 -10.16 10.66 -13.58
N ALA A 168 -8.88 10.89 -13.32
CA ALA A 168 -8.52 11.85 -12.30
C ALA A 168 -8.74 13.29 -12.78
N HIS A 169 -8.73 14.23 -11.84
CA HIS A 169 -8.91 15.62 -12.17
C HIS A 169 -7.92 15.99 -13.28
N ALA A 170 -8.19 17.07 -14.01
CA ALA A 170 -7.29 17.50 -15.07
C ALA A 170 -6.11 18.27 -14.47
N GLY A 171 -4.93 18.12 -15.07
CA GLY A 171 -3.76 18.82 -14.57
C GLY A 171 -3.14 18.10 -13.38
N ALA A 172 -3.88 17.12 -12.85
CA ALA A 172 -3.39 16.33 -11.71
C ALA A 172 -2.16 15.52 -12.15
N LYS A 173 -1.21 15.34 -11.24
CA LYS A 173 0.03 14.63 -11.56
C LYS A 173 0.30 13.52 -10.55
N PHE A 174 1.03 12.49 -10.96
CA PHE A 174 1.30 11.34 -10.10
C PHE A 174 2.76 10.86 -10.06
N PRO A 175 3.10 9.97 -9.09
CA PRO A 175 4.44 9.39 -8.91
C PRO A 175 4.81 8.60 -10.14
N ILE A 176 5.55 9.23 -11.04
CA ILE A 176 5.94 8.63 -12.30
C ILE A 176 6.41 7.17 -12.29
N LYS A 177 7.29 6.82 -11.36
CA LYS A 177 7.83 5.46 -11.34
C LYS A 177 6.91 4.32 -10.91
N TRP A 178 5.78 4.66 -10.30
CA TRP A 178 4.81 3.65 -9.87
C TRP A 178 3.55 3.71 -10.72
N THR A 179 3.49 4.70 -11.59
CA THR A 179 2.30 4.91 -12.41
C THR A 179 2.25 4.25 -13.78
N ALA A 180 1.14 3.54 -14.02
CA ALA A 180 0.91 2.86 -15.30
C ALA A 180 0.89 3.85 -16.47
N PRO A 181 1.32 3.39 -17.66
CA PRO A 181 1.38 4.18 -18.89
C PRO A 181 0.11 4.96 -19.22
N GLU A 182 -1.03 4.25 -19.22
CA GLU A 182 -2.31 4.89 -19.52
C GLU A 182 -2.71 5.92 -18.46
N SER A 183 -2.17 5.79 -17.25
CA SER A 183 -2.47 6.73 -16.20
C SER A 183 -1.64 8.00 -16.43
N LEU A 184 -0.37 7.80 -16.75
CA LEU A 184 0.53 8.90 -17.01
C LEU A 184 0.09 9.72 -18.21
N ALA A 185 -0.30 9.03 -19.28
CA ALA A 185 -0.70 9.67 -20.52
C ALA A 185 -2.13 10.19 -20.58
N TYR A 186 -3.09 9.45 -20.02
CA TYR A 186 -4.47 9.91 -20.10
C TYR A 186 -5.21 10.05 -18.78
N ASN A 187 -4.48 10.08 -17.67
CA ASN A 187 -5.08 10.20 -16.33
C ASN A 187 -6.16 9.15 -16.07
N LYS A 188 -6.06 8.01 -16.74
CA LYS A 188 -7.05 6.94 -16.56
C LYS A 188 -6.55 5.89 -15.59
N PHE A 189 -7.34 5.62 -14.55
CA PHE A 189 -6.99 4.63 -13.53
C PHE A 189 -7.99 3.49 -13.48
N SER A 190 -7.57 2.36 -12.93
CA SER A 190 -8.41 1.18 -12.82
C SER A 190 -7.72 0.17 -11.91
N ILE A 191 -8.35 -0.99 -11.73
CA ILE A 191 -7.77 -2.03 -10.91
C ILE A 191 -6.44 -2.43 -11.57
N LYS A 192 -6.43 -2.44 -12.91
CA LYS A 192 -5.24 -2.79 -13.68
C LYS A 192 -4.10 -1.81 -13.49
N SER A 193 -4.40 -0.54 -13.24
CA SER A 193 -3.32 0.40 -13.00
C SER A 193 -2.72 0.10 -11.62
N ASP A 194 -3.55 -0.39 -10.69
CA ASP A 194 -3.02 -0.75 -9.37
C ASP A 194 -2.13 -1.99 -9.55
N VAL A 195 -2.53 -2.89 -10.46
CA VAL A 195 -1.75 -4.09 -10.73
C VAL A 195 -0.34 -3.69 -11.19
N TRP A 196 -0.28 -2.70 -12.06
CA TRP A 196 1.01 -2.21 -12.57
C TRP A 196 1.85 -1.72 -11.37
N ALA A 197 1.23 -0.92 -10.51
CA ALA A 197 1.93 -0.38 -9.34
C ALA A 197 2.42 -1.50 -8.43
N PHE A 198 1.60 -2.54 -8.30
CA PHE A 198 1.97 -3.69 -7.48
C PHE A 198 3.24 -4.32 -8.04
N GLY A 199 3.35 -4.34 -9.37
CA GLY A 199 4.54 -4.91 -9.99
C GLY A 199 5.77 -4.12 -9.57
N VAL A 200 5.62 -2.80 -9.51
CA VAL A 200 6.74 -1.96 -9.09
C VAL A 200 7.04 -2.25 -7.62
N LEU A 201 5.99 -2.43 -6.81
CA LEU A 201 6.15 -2.72 -5.40
C LEU A 201 6.92 -4.04 -5.22
N LEU A 202 6.60 -5.03 -6.04
CA LEU A 202 7.30 -6.32 -5.99
C LEU A 202 8.80 -6.12 -6.21
N TRP A 203 9.13 -5.23 -7.14
CA TRP A 203 10.52 -4.94 -7.45
C TRP A 203 11.19 -4.28 -6.24
N GLU A 204 10.46 -3.39 -5.57
CA GLU A 204 10.99 -2.72 -4.37
C GLU A 204 11.28 -3.78 -3.31
N ILE A 205 10.38 -4.73 -3.18
CA ILE A 205 10.56 -5.80 -2.21
C ILE A 205 11.76 -6.68 -2.56
N ALA A 206 11.85 -7.06 -3.83
CA ALA A 206 12.92 -7.93 -4.32
C ALA A 206 14.31 -7.32 -4.13
N THR A 207 14.37 -5.99 -4.22
CA THR A 207 15.63 -5.26 -4.09
C THR A 207 15.89 -4.76 -2.67
N TYR A 208 15.01 -5.14 -1.74
CA TYR A 208 15.13 -4.69 -0.36
C TYR A 208 15.05 -3.16 -0.26
N GLY A 209 14.14 -2.57 -1.04
CA GLY A 209 13.95 -1.13 -0.98
C GLY A 209 14.69 -0.18 -1.89
N MET A 210 15.22 -0.65 -3.01
CA MET A 210 15.91 0.27 -3.93
C MET A 210 14.90 1.17 -4.62
N SER A 211 15.36 2.35 -5.01
CA SER A 211 14.49 3.28 -5.74
C SER A 211 14.35 2.72 -7.15
N PRO A 212 13.12 2.64 -7.68
CA PRO A 212 12.87 2.11 -9.03
C PRO A 212 13.56 2.86 -10.16
N TYR A 213 13.78 2.15 -11.26
CA TYR A 213 14.41 2.72 -12.46
C TYR A 213 15.74 3.41 -12.16
N PRO A 214 16.69 2.68 -11.56
CA PRO A 214 18.01 3.19 -11.20
C PRO A 214 18.71 3.93 -12.35
N GLY A 215 19.10 5.17 -12.10
CA GLY A 215 19.80 5.98 -13.10
C GLY A 215 18.97 6.78 -14.07
N ILE A 216 17.86 6.20 -14.52
CA ILE A 216 16.96 6.82 -15.48
C ILE A 216 16.25 8.09 -15.02
N ASP A 217 16.15 9.08 -15.92
CA ASP A 217 15.47 10.33 -15.61
C ASP A 217 13.96 10.20 -15.75
N LEU A 218 13.24 10.63 -14.71
CA LEU A 218 11.78 10.57 -14.70
C LEU A 218 11.18 11.03 -16.02
N SER A 219 11.80 12.04 -16.62
CA SER A 219 11.33 12.57 -17.90
C SER A 219 11.50 11.57 -19.04
N GLN A 220 12.30 10.54 -18.82
CA GLN A 220 12.57 9.54 -19.85
C GLN A 220 11.83 8.22 -19.63
N VAL A 221 11.29 8.03 -18.43
CA VAL A 221 10.56 6.79 -18.10
C VAL A 221 9.45 6.34 -19.06
N TYR A 222 8.51 7.23 -19.40
CA TYR A 222 7.41 6.87 -20.31
C TYR A 222 7.89 6.43 -21.69
N GLU A 223 8.77 7.24 -22.28
CA GLU A 223 9.30 6.93 -23.61
C GLU A 223 9.97 5.57 -23.61
N LEU A 224 10.68 5.26 -22.52
CA LEU A 224 11.35 3.97 -22.39
C LEU A 224 10.34 2.84 -22.31
N LEU A 225 9.33 3.00 -21.48
CA LEU A 225 8.29 1.98 -21.33
C LEU A 225 7.62 1.74 -22.68
N GLU A 226 7.38 2.83 -23.40
CA GLU A 226 6.72 2.75 -24.71
C GLU A 226 7.47 1.85 -25.70
N LYS A 227 8.80 1.81 -25.56
CA LYS A 227 9.62 0.98 -26.43
C LYS A 227 9.80 -0.43 -25.88
N ASP A 228 9.06 -0.71 -24.82
CA ASP A 228 9.07 -2.00 -24.12
C ASP A 228 10.20 -2.22 -23.14
N TYR A 229 10.86 -1.15 -22.70
CA TYR A 229 11.90 -1.32 -21.70
C TYR A 229 11.15 -1.55 -20.40
N ARG A 230 11.72 -2.39 -19.54
CA ARG A 230 11.16 -2.69 -18.21
C ARG A 230 12.35 -2.96 -17.30
N MET A 231 12.19 -2.71 -16.00
CA MET A 231 13.29 -2.94 -15.07
C MET A 231 13.78 -4.39 -15.15
N GLU A 232 15.08 -4.59 -14.91
CA GLU A 232 15.71 -5.90 -14.97
C GLU A 232 15.38 -6.78 -13.76
N ARG A 233 15.56 -8.09 -13.90
CA ARG A 233 15.28 -8.99 -12.78
C ARG A 233 16.30 -8.71 -11.69
N PRO A 234 15.84 -8.39 -10.47
CA PRO A 234 16.78 -8.12 -9.39
C PRO A 234 17.64 -9.34 -9.08
N GLU A 235 18.85 -9.08 -8.60
CA GLU A 235 19.77 -10.14 -8.24
C GLU A 235 19.04 -10.97 -7.19
N GLY A 236 18.97 -12.28 -7.38
CA GLY A 236 18.32 -13.13 -6.41
C GLY A 236 16.81 -13.31 -6.52
N CYS A 237 16.17 -12.59 -7.42
CA CYS A 237 14.72 -12.74 -7.57
C CYS A 237 14.38 -13.99 -8.39
N PRO A 238 13.58 -14.90 -7.81
CA PRO A 238 13.23 -16.11 -8.57
C PRO A 238 12.57 -15.77 -9.90
N GLU A 239 12.83 -16.59 -10.92
CA GLU A 239 12.27 -16.36 -12.24
C GLU A 239 10.75 -16.25 -12.28
N LYS A 240 10.05 -17.04 -11.48
CA LYS A 240 8.60 -17.00 -11.44
C LYS A 240 8.13 -15.61 -11.01
N VAL A 241 8.77 -15.09 -9.96
CA VAL A 241 8.42 -13.78 -9.44
C VAL A 241 8.67 -12.69 -10.47
N TYR A 242 9.81 -12.76 -11.16
CA TYR A 242 10.11 -11.75 -12.17
C TYR A 242 9.11 -11.86 -13.31
N GLU A 243 8.66 -13.07 -13.59
CA GLU A 243 7.69 -13.28 -14.66
C GLU A 243 6.35 -12.64 -14.27
N LEU A 244 5.94 -12.80 -13.01
CA LEU A 244 4.70 -12.18 -12.54
C LEU A 244 4.86 -10.66 -12.64
N MET A 245 6.05 -10.20 -12.29
CA MET A 245 6.40 -8.79 -12.31
C MET A 245 6.21 -8.24 -13.72
N ARG A 246 6.72 -8.95 -14.71
CA ARG A 246 6.61 -8.52 -16.10
C ARG A 246 5.18 -8.56 -16.61
N ALA A 247 4.37 -9.48 -16.08
CA ALA A 247 2.98 -9.57 -16.50
C ALA A 247 2.24 -8.34 -15.99
N CYS A 248 2.59 -7.90 -14.78
CA CYS A 248 2.00 -6.72 -14.18
C CYS A 248 2.34 -5.49 -15.01
N TRP A 249 3.44 -5.56 -15.74
CA TRP A 249 3.88 -4.44 -16.56
C TRP A 249 3.56 -4.60 -18.04
N GLN A 250 2.51 -5.36 -18.35
CA GLN A 250 2.09 -5.50 -19.75
C GLN A 250 1.55 -4.12 -20.13
N TRP A 251 1.90 -3.63 -21.32
CA TRP A 251 1.45 -2.32 -21.75
C TRP A 251 -0.07 -2.15 -21.75
N ASN A 252 -0.80 -3.11 -22.30
CA ASN A 252 -2.25 -3.00 -22.31
C ASN A 252 -2.81 -3.47 -20.98
N PRO A 253 -3.56 -2.59 -20.29
CA PRO A 253 -4.11 -2.98 -18.99
C PRO A 253 -4.85 -4.31 -19.00
N SER A 254 -5.59 -4.60 -20.06
CA SER A 254 -6.34 -5.85 -20.13
C SER A 254 -5.44 -7.08 -20.15
N ASP A 255 -4.18 -6.91 -20.52
CA ASP A 255 -3.24 -8.02 -20.55
C ASP A 255 -2.61 -8.33 -19.18
N ARG A 256 -2.79 -7.42 -18.24
CA ARG A 256 -2.24 -7.61 -16.90
C ARG A 256 -3.13 -8.59 -16.14
N PRO A 257 -2.54 -9.43 -15.30
CA PRO A 257 -3.33 -10.41 -14.53
C PRO A 257 -4.17 -9.74 -13.45
N SER A 258 -5.09 -10.51 -12.87
CA SER A 258 -5.94 -9.98 -11.81
C SER A 258 -5.21 -10.20 -10.49
N PHE A 259 -5.63 -9.48 -9.46
CA PHE A 259 -5.05 -9.64 -8.14
C PHE A 259 -5.43 -11.03 -7.64
N ALA A 260 -6.58 -11.52 -8.08
CA ALA A 260 -7.02 -12.85 -7.66
C ALA A 260 -5.98 -13.85 -8.15
N GLU A 261 -5.56 -13.70 -9.40
CA GLU A 261 -4.55 -14.58 -9.98
C GLU A 261 -3.22 -14.36 -9.30
N ILE A 262 -2.87 -13.09 -9.10
CA ILE A 262 -1.60 -12.76 -8.46
C ILE A 262 -1.51 -13.39 -7.06
N HIS A 263 -2.56 -13.22 -6.26
CA HIS A 263 -2.57 -13.77 -4.92
C HIS A 263 -2.43 -15.29 -4.90
N GLN A 264 -3.09 -15.95 -5.84
CA GLN A 264 -3.03 -17.40 -5.92
C GLN A 264 -1.61 -17.86 -6.18
N ALA A 265 -0.94 -17.19 -7.11
CA ALA A 265 0.44 -17.52 -7.46
C ALA A 265 1.40 -17.37 -6.29
N PHE A 266 1.26 -16.27 -5.54
CA PHE A 266 2.13 -16.05 -4.40
C PHE A 266 1.84 -16.96 -3.22
N GLU A 267 0.57 -17.25 -2.98
CA GLU A 267 0.24 -18.12 -1.86
C GLU A 267 0.93 -19.46 -2.09
N THR A 268 0.89 -19.92 -3.34
CA THR A 268 1.50 -21.18 -3.73
C THR A 268 3.02 -21.17 -3.56
N MET A 269 3.68 -20.15 -4.09
CA MET A 269 5.13 -20.06 -3.96
C MET A 269 5.54 -19.94 -2.49
N PHE A 270 4.76 -19.17 -1.73
CA PHE A 270 5.05 -18.97 -0.31
C PHE A 270 4.99 -20.27 0.47
N GLN A 271 3.95 -21.06 0.24
CA GLN A 271 3.78 -22.31 0.95
C GLN A 271 4.90 -23.31 0.66
N GLU A 272 5.29 -23.42 -0.60
CA GLU A 272 6.37 -24.33 -0.96
C GLU A 272 7.67 -23.81 -0.37
N SER A 273 7.91 -22.52 -0.50
CA SER A 273 9.12 -21.92 0.05
C SER A 273 9.12 -22.08 1.57
N SER A 274 7.94 -22.00 2.17
CA SER A 274 7.80 -22.11 3.61
C SER A 274 8.22 -23.48 4.14
N ILE A 275 7.92 -24.53 3.39
CA ILE A 275 8.29 -25.88 3.81
C ILE A 275 9.79 -25.99 4.02
N SER A 276 10.55 -25.54 3.03
CA SER A 276 12.01 -25.58 3.11
C SER A 276 12.51 -24.72 4.26
N ASP A 277 11.81 -23.63 4.52
CA ASP A 277 12.20 -22.73 5.60
C ASP A 277 12.02 -23.42 6.95
N GLU A 278 10.85 -24.01 7.17
CA GLU A 278 10.60 -24.70 8.43
C GLU A 278 11.64 -25.78 8.66
N VAL A 279 11.92 -26.56 7.63
CA VAL A 279 12.93 -27.61 7.73
C VAL A 279 14.28 -27.01 8.10
N GLU A 280 14.72 -26.02 7.33
CA GLU A 280 15.99 -25.38 7.58
C GLU A 280 16.04 -24.87 9.00
N LYS A 281 14.97 -24.21 9.42
CA LYS A 281 14.88 -23.69 10.78
C LYS A 281 15.13 -24.84 11.74
N GLU A 282 14.51 -25.98 11.46
CA GLU A 282 14.67 -27.11 12.33
C GLU A 282 15.88 -27.98 12.08
N LEU A 283 17.03 -27.34 11.97
CA LEU A 283 18.28 -28.05 11.79
C LEU A 283 19.19 -27.35 12.77
N GLY A 284 19.11 -26.02 12.78
CA GLY A 284 19.90 -25.26 13.72
C GLY A 284 19.15 -25.28 15.04
N1 P3Y B . 1.18 3.25 11.57
C2 P3Y B . 2.51 3.51 11.48
C3 P3Y B . 3.03 4.38 10.49
C4 P3Y B . 2.10 4.97 9.60
C5 P3Y B . 0.70 4.67 9.72
C6 P3Y B . 0.28 3.80 10.71
C9 P3Y B . -0.46 5.08 8.99
C10 P3Y B . -1.49 4.40 9.66
N11 P3Y B . -1.06 3.62 10.71
C14 P3Y B . -0.61 6.01 7.82
C15 P3Y B . 0.17 5.91 6.61
C16 P3Y B . -0.05 6.86 5.54
C17 P3Y B . -1.02 7.87 5.66
C18 P3Y B . -1.79 7.96 6.84
C19 P3Y B . -1.59 7.05 7.90
O1 P3Y B . 1.14 4.87 6.54
C24 P3Y B . 4.50 4.66 10.41
C25 P3Y B . 5.21 4.66 9.18
N26 P3Y B . 6.55 4.93 9.13
C27 P3Y B . 7.25 5.20 10.27
C28 P3Y B . 6.59 5.22 11.53
C29 P3Y B . 5.22 4.94 11.58
C33 P3Y B . 7.36 5.53 12.76
O34 P3Y B . 7.65 6.72 13.00
N35 P3Y B . 7.73 4.51 13.65
C41 P3Y B . 7.24 3.11 13.64
C45 P3Y B . 8.63 4.91 14.76
C1 P3Y B . 1.82 4.57 5.30
#